data_2Q6O
#
_entry.id   2Q6O
#
_cell.length_a   111.530
_cell.length_b   111.530
_cell.length_c   47.610
_cell.angle_alpha   90.00
_cell.angle_beta   90.00
_cell.angle_gamma   120.00
#
_symmetry.space_group_name_H-M   'P 3'
#
loop_
_entity.id
_entity.type
_entity.pdbx_description
1 polymer 'Hypothetical Protein'
2 non-polymer 'CHLORIDE ION'
3 non-polymer S-ADENOSYLMETHIONINE
4 water water
#
_entity_poly.entity_id   1
_entity_poly.type   'polypeptide(L)'
_entity_poly.pdbx_seq_one_letter_code
;MQHNLIAFLSDVGSADEAHALCKGVMYGVAPAATIVDITHDVAPFDVREGALFLADVPHSFPAHTVICATVYPETGTATH
TIAVRNEKGQLLVGPNNGLLSFALDASPAVECHEVLSPDVMNQPVTPTWYGKDIVAACAAHLAAGTDLAAVGPRIDPKQI
VRLPYASASEVEGGIRGEVVRIDRAFGNVWTNIPTHLIGSMLQDGERLEVKIEALSDTVLELPFCKTFGEVDEGQPLLYL
NSRGRLALGLNQSNFIEKWPVVPGDSITVSPRVPDSNLGPVLG
;
_entity_poly.pdbx_strand_id   A,B
#
loop_
_chem_comp.id
_chem_comp.type
_chem_comp.name
_chem_comp.formula
CL non-polymer 'CHLORIDE ION' 'Cl -1'
SAM non-polymer S-ADENOSYLMETHIONINE 'C15 H22 N6 O5 S'
#
# COMPACT_ATOMS: atom_id res chain seq x y z
N HIS A 3 0.73 28.26 1.49
CA HIS A 3 1.29 27.41 0.42
C HIS A 3 1.40 28.18 -0.88
N ASN A 4 2.53 28.87 -1.10
CA ASN A 4 2.74 29.76 -2.27
C ASN A 4 3.37 29.14 -3.51
N LEU A 5 3.64 27.84 -3.44
CA LEU A 5 4.17 27.07 -4.53
C LEU A 5 3.14 26.05 -5.07
N ILE A 6 2.84 26.09 -6.37
CA ILE A 6 1.89 25.11 -6.90
C ILE A 6 2.61 24.32 -7.95
N ALA A 7 2.71 23.01 -7.72
CA ALA A 7 3.36 22.08 -8.68
C ALA A 7 2.28 21.32 -9.45
N PHE A 8 2.38 21.34 -10.80
CA PHE A 8 1.28 21.05 -11.73
C PHE A 8 1.64 19.90 -12.69
N LEU A 9 0.83 18.84 -12.71
CA LEU A 9 1.06 17.67 -13.58
C LEU A 9 -0.22 17.30 -14.27
N SER A 10 -0.14 16.85 -15.52
CA SER A 10 -1.32 16.37 -16.23
C SER A 10 -0.95 15.48 -17.40
N ASP A 11 -1.94 15.08 -18.16
CA ASP A 11 -1.76 14.35 -19.43
C ASP A 11 -2.25 15.19 -20.61
N VAL A 12 -2.47 16.49 -20.43
CA VAL A 12 -2.99 17.30 -21.57
C VAL A 12 -1.89 17.70 -22.58
N GLY A 13 -0.63 17.43 -22.24
CA GLY A 13 0.49 17.86 -23.12
C GLY A 13 0.95 19.28 -22.99
N SER A 14 2.16 19.57 -23.46
CA SER A 14 2.61 20.93 -23.47
C SER A 14 2.64 21.53 -24.85
N ALA A 15 2.13 20.82 -25.84
CA ALA A 15 2.18 21.27 -27.24
C ALA A 15 1.05 22.19 -27.70
N ASP A 16 0.00 22.34 -26.89
CA ASP A 16 -0.97 23.37 -27.20
C ASP A 16 -1.18 24.25 -25.99
N GLU A 17 -2.16 25.16 -26.06
CA GLU A 17 -2.40 26.13 -24.94
C GLU A 17 -3.12 25.55 -23.70
N ALA A 18 -3.59 24.29 -23.75
CA ALA A 18 -4.45 23.78 -22.61
C ALA A 18 -3.86 23.91 -21.18
N HIS A 19 -2.69 23.34 -20.94
CA HIS A 19 -2.09 23.41 -19.59
C HIS A 19 -1.86 24.89 -19.15
N ALA A 20 -1.63 25.77 -20.13
CA ALA A 20 -1.48 27.20 -19.87
C ALA A 20 -2.79 27.90 -19.53
N LEU A 21 -3.87 27.48 -20.13
CA LEU A 21 -5.17 28.04 -19.65
C LEU A 21 -5.41 27.77 -18.17
N CYS A 22 -5.04 26.57 -17.75
CA CYS A 22 -5.05 26.12 -16.35
C CYS A 22 -4.22 27.04 -15.49
N LYS A 23 -2.97 27.26 -15.90
CA LYS A 23 -2.17 28.24 -15.11
C LYS A 23 -2.81 29.62 -15.10
N GLY A 24 -3.50 29.99 -16.18
CA GLY A 24 -4.20 31.29 -16.23
C GLY A 24 -5.24 31.44 -15.14
N VAL A 25 -6.14 30.46 -15.10
CA VAL A 25 -7.13 30.30 -13.98
C VAL A 25 -6.50 30.40 -12.58
N MET A 26 -5.38 29.71 -12.41
CA MET A 26 -4.70 29.65 -11.12
C MET A 26 -4.14 30.99 -10.77
N TYR A 27 -3.39 31.62 -11.70
CA TYR A 27 -2.89 32.98 -11.53
C TYR A 27 -3.91 33.98 -11.15
N GLY A 28 -5.13 33.85 -11.66
CA GLY A 28 -6.10 34.90 -11.41
C GLY A 28 -6.55 34.79 -9.95
N VAL A 29 -6.59 33.54 -9.47
CA VAL A 29 -7.11 33.17 -8.16
C VAL A 29 -6.09 33.46 -7.08
N ALA A 30 -4.82 33.19 -7.41
CA ALA A 30 -3.71 33.21 -6.51
C ALA A 30 -2.57 33.92 -7.18
N PRO A 31 -2.67 35.27 -7.27
CA PRO A 31 -1.67 36.10 -7.92
C PRO A 31 -0.37 36.19 -7.13
N ALA A 32 -0.38 35.72 -5.89
CA ALA A 32 0.83 35.69 -5.09
C ALA A 32 1.66 34.43 -5.35
N ALA A 33 1.06 33.48 -6.07
CA ALA A 33 1.65 32.15 -6.23
C ALA A 33 2.67 32.05 -7.38
N THR A 34 3.61 31.11 -7.17
CA THR A 34 4.54 30.57 -8.16
C THR A 34 3.95 29.24 -8.63
N ILE A 35 3.98 29.03 -9.95
CA ILE A 35 3.52 27.75 -10.54
C ILE A 35 4.68 27.18 -11.25
N VAL A 36 5.04 25.94 -10.88
CA VAL A 36 6.08 25.11 -11.59
C VAL A 36 5.44 23.83 -12.21
N ASP A 37 5.79 23.52 -13.45
CA ASP A 37 5.25 22.34 -14.06
C ASP A 37 5.99 21.13 -13.58
N ILE A 38 5.25 20.10 -13.18
CA ILE A 38 5.85 18.78 -13.02
C ILE A 38 6.13 18.21 -14.41
N THR A 39 5.14 17.60 -15.03
CA THR A 39 5.15 17.39 -16.50
C THR A 39 3.72 17.46 -16.95
N HIS A 40 3.50 17.85 -18.23
CA HIS A 40 2.25 17.68 -18.93
C HIS A 40 2.29 16.57 -19.97
N ASP A 41 3.40 15.84 -20.00
CA ASP A 41 3.55 14.66 -20.92
C ASP A 41 3.18 13.27 -20.40
N VAL A 42 2.52 13.15 -19.27
CA VAL A 42 1.96 11.83 -18.93
C VAL A 42 1.17 11.24 -20.15
N ALA A 43 1.31 9.92 -20.41
CA ALA A 43 0.57 9.22 -21.53
C ALA A 43 -0.91 9.42 -21.33
N PRO A 44 -1.68 9.50 -22.42
CA PRO A 44 -3.02 10.05 -22.22
C PRO A 44 -3.86 9.04 -21.42
N PHE A 45 -4.69 9.50 -20.49
CA PHE A 45 -5.50 8.65 -19.61
C PHE A 45 -4.66 7.72 -18.70
N ASP A 46 -3.33 7.89 -18.63
CA ASP A 46 -2.51 6.84 -17.99
C ASP A 46 -2.25 7.24 -16.59
N VAL A 47 -3.15 6.83 -15.70
CA VAL A 47 -3.22 7.40 -14.35
C VAL A 47 -2.06 6.73 -13.57
N ARG A 48 -1.65 5.55 -14.00
CA ARG A 48 -0.56 4.86 -13.29
C ARG A 48 0.79 5.42 -13.66
N GLU A 49 0.97 5.75 -14.92
CA GLU A 49 2.19 6.49 -15.31
C GLU A 49 2.24 7.79 -14.50
N GLY A 50 1.15 8.55 -14.43
CA GLY A 50 1.16 9.85 -13.66
C GLY A 50 1.48 9.70 -12.19
N ALA A 51 0.93 8.66 -11.58
CA ALA A 51 1.15 8.30 -10.20
C ALA A 51 2.62 8.00 -9.84
N LEU A 52 3.24 7.23 -10.71
CA LEU A 52 4.67 6.92 -10.71
C LEU A 52 5.54 8.17 -10.83
N PHE A 53 5.13 9.08 -11.69
CA PHE A 53 5.83 10.36 -11.82
C PHE A 53 5.72 11.16 -10.56
N LEU A 54 4.58 11.03 -9.89
CA LEU A 54 4.34 11.80 -8.69
C LEU A 54 4.93 11.19 -7.42
N ALA A 55 5.46 9.98 -7.49
CA ALA A 55 5.86 9.31 -6.25
C ALA A 55 6.93 10.03 -5.45
N ASP A 56 7.93 10.54 -6.15
CA ASP A 56 8.99 11.24 -5.48
C ASP A 56 8.77 12.74 -5.33
N VAL A 57 7.62 13.24 -5.76
CA VAL A 57 7.37 14.69 -5.75
C VAL A 57 7.23 15.23 -4.30
N PRO A 58 6.47 14.51 -3.44
CA PRO A 58 6.45 15.01 -2.07
C PRO A 58 7.82 15.33 -1.42
N HIS A 59 8.77 14.40 -1.53
CA HIS A 59 10.07 14.50 -0.86
C HIS A 59 10.91 15.61 -1.43
N SER A 60 10.84 15.75 -2.75
CA SER A 60 11.64 16.74 -3.46
C SER A 60 11.11 18.17 -3.28
N PHE A 61 9.81 18.33 -3.06
CA PHE A 61 9.21 19.65 -2.96
C PHE A 61 9.10 20.13 -1.54
N PRO A 62 9.23 21.45 -1.31
CA PRO A 62 9.09 22.01 0.03
C PRO A 62 7.72 21.81 0.68
N ALA A 63 7.66 21.96 1.99
CA ALA A 63 6.37 21.73 2.66
C ALA A 63 5.28 22.72 2.18
N HIS A 64 5.66 23.89 1.69
CA HIS A 64 4.68 24.92 1.23
C HIS A 64 4.18 24.78 -0.20
N THR A 65 4.08 23.53 -0.64
CA THR A 65 3.72 23.24 -1.98
C THR A 65 2.27 22.75 -1.94
N VAL A 66 1.52 23.16 -2.98
CA VAL A 66 0.29 22.49 -3.41
C VAL A 66 0.61 21.66 -4.67
N ILE A 67 0.37 20.35 -4.61
CA ILE A 67 0.64 19.44 -5.74
C ILE A 67 -0.70 19.24 -6.37
N CYS A 68 -0.84 19.87 -7.53
CA CYS A 68 -2.04 19.94 -8.29
C CYS A 68 -1.95 18.92 -9.45
N ALA A 69 -2.84 17.95 -9.57
CA ALA A 69 -2.55 16.91 -10.59
C ALA A 69 -3.81 16.43 -11.27
N THR A 70 -3.72 16.22 -12.56
CA THR A 70 -4.93 15.92 -13.28
C THR A 70 -4.74 15.10 -14.58
N VAL A 71 -5.11 13.86 -14.45
CA VAL A 71 -5.14 12.91 -15.55
C VAL A 71 -6.48 12.36 -15.17
N TYR A 72 -7.52 12.69 -15.95
CA TYR A 72 -8.89 12.56 -15.40
C TYR A 72 -9.85 12.20 -16.47
N PRO A 73 -9.66 10.99 -17.04
CA PRO A 73 -10.57 10.54 -18.08
C PRO A 73 -11.99 10.29 -17.49
N GLU A 74 -12.08 10.28 -16.15
CA GLU A 74 -13.37 10.20 -15.46
C GLU A 74 -14.04 11.56 -15.22
N THR A 75 -13.56 12.59 -15.92
CA THR A 75 -14.05 13.96 -15.74
C THR A 75 -15.56 14.02 -16.07
N GLY A 76 -16.31 14.76 -15.25
CA GLY A 76 -17.76 14.96 -15.45
C GLY A 76 -18.60 13.76 -15.08
N THR A 77 -18.13 12.95 -14.13
CA THR A 77 -18.80 11.71 -13.71
C THR A 77 -18.84 11.73 -12.20
N ALA A 78 -19.25 10.60 -11.62
CA ALA A 78 -19.28 10.45 -10.18
C ALA A 78 -17.87 10.34 -9.59
N THR A 79 -16.80 10.36 -10.40
CA THR A 79 -15.47 10.38 -9.72
C THR A 79 -15.09 11.78 -9.29
N HIS A 80 -15.02 11.97 -7.97
CA HIS A 80 -14.80 13.31 -7.42
C HIS A 80 -13.33 13.69 -7.36
N THR A 81 -13.10 14.98 -7.15
CA THR A 81 -11.81 15.51 -6.83
C THR A 81 -11.63 15.53 -5.33
N ILE A 82 -10.38 15.38 -4.88
CA ILE A 82 -10.06 15.33 -3.47
C ILE A 82 -8.98 16.32 -3.12
N ALA A 83 -9.05 16.81 -1.89
CA ALA A 83 -8.01 17.70 -1.38
C ALA A 83 -7.51 17.06 -0.11
N VAL A 84 -6.18 17.00 -0.03
CA VAL A 84 -5.46 16.19 0.96
C VAL A 84 -4.38 17.05 1.58
N ARG A 85 -4.30 17.01 2.91
CA ARG A 85 -3.09 17.41 3.62
C ARG A 85 -2.22 16.19 3.99
N ASN A 86 -0.94 16.24 3.63
CA ASN A 86 -0.06 15.13 3.95
C ASN A 86 0.82 15.36 5.21
N GLU A 87 1.63 14.37 5.58
CA GLU A 87 2.51 14.46 6.80
C GLU A 87 3.55 15.56 6.75
N LYS A 88 3.92 15.93 5.53
CA LYS A 88 4.91 16.97 5.33
C LYS A 88 4.32 18.37 5.44
N GLY A 89 2.99 18.45 5.31
CA GLY A 89 2.21 19.71 5.48
C GLY A 89 1.82 20.26 4.14
N GLN A 90 2.12 19.48 3.10
CA GLN A 90 1.84 19.88 1.74
C GLN A 90 0.39 19.56 1.54
N LEU A 91 -0.19 20.22 0.57
CA LEU A 91 -1.55 19.93 0.11
C LEU A 91 -1.41 19.27 -1.27
N LEU A 92 -2.38 18.46 -1.60
CA LEU A 92 -2.38 17.76 -2.88
C LEU A 92 -3.84 17.69 -3.31
N VAL A 93 -4.09 18.13 -4.55
CA VAL A 93 -5.44 18.16 -5.17
C VAL A 93 -5.54 17.34 -6.47
N GLY A 94 -6.52 16.47 -6.58
CA GLY A 94 -6.66 15.65 -7.82
C GLY A 94 -7.80 14.68 -7.81
N PRO A 95 -8.07 14.01 -8.98
CA PRO A 95 -9.16 13.04 -9.15
C PRO A 95 -8.95 11.96 -8.12
N ASN A 96 -10.02 11.49 -7.50
CA ASN A 96 -9.91 10.31 -6.63
C ASN A 96 -9.91 9.07 -7.57
N ASN A 97 -8.84 8.90 -8.36
CA ASN A 97 -8.82 7.76 -9.30
C ASN A 97 -7.58 6.85 -9.17
N GLY A 98 -6.88 7.03 -8.08
CA GLY A 98 -5.64 6.31 -7.78
C GLY A 98 -4.44 7.18 -8.15
N LEU A 99 -4.67 8.38 -8.71
CA LEU A 99 -3.48 9.16 -9.23
C LEU A 99 -2.49 9.52 -8.15
N LEU A 100 -3.01 9.84 -6.98
CA LEU A 100 -2.12 10.30 -5.96
C LEU A 100 -1.57 9.13 -5.12
N SER A 101 -1.84 7.89 -5.51
CA SER A 101 -1.49 6.70 -4.68
C SER A 101 -0.07 6.67 -4.22
N PHE A 102 0.90 6.94 -5.12
CA PHE A 102 2.31 6.70 -4.73
C PHE A 102 2.93 7.90 -4.06
N ALA A 103 2.45 9.10 -4.39
CA ALA A 103 2.73 10.29 -3.64
C ALA A 103 2.33 10.15 -2.14
N LEU A 104 1.17 9.53 -1.91
CA LEU A 104 0.69 9.26 -0.56
C LEU A 104 1.44 8.15 0.15
N ASP A 105 2.13 7.29 -0.59
CA ASP A 105 2.96 6.23 -0.01
C ASP A 105 4.18 6.92 0.64
N ALA A 106 4.55 8.08 0.11
CA ALA A 106 5.79 8.75 0.56
C ALA A 106 5.48 9.66 1.72
N SER A 107 4.27 10.16 1.73
CA SER A 107 3.84 10.99 2.83
C SER A 107 2.37 10.77 2.92
N PRO A 108 1.95 9.92 3.87
CA PRO A 108 0.49 9.68 3.97
C PRO A 108 -0.48 10.85 4.19
N ALA A 109 -1.69 10.63 3.70
CA ALA A 109 -2.84 11.50 4.11
C ALA A 109 -3.06 11.65 5.61
N VAL A 110 -3.13 12.89 6.07
CA VAL A 110 -3.53 13.21 7.45
C VAL A 110 -4.97 13.72 7.51
N GLU A 111 -5.38 14.53 6.53
CA GLU A 111 -6.80 14.90 6.43
C GLU A 111 -7.18 14.90 4.95
N CYS A 112 -8.42 14.50 4.64
CA CYS A 112 -8.93 14.45 3.27
C CYS A 112 -10.36 14.90 3.16
N HIS A 113 -10.59 15.70 2.13
CA HIS A 113 -11.90 16.24 1.76
C HIS A 113 -12.21 16.01 0.30
N GLU A 114 -13.46 15.70 -0.04
CA GLU A 114 -13.90 15.73 -1.44
C GLU A 114 -14.14 17.17 -1.85
N VAL A 115 -13.82 17.52 -3.09
CA VAL A 115 -13.96 18.91 -3.49
C VAL A 115 -15.35 19.08 -4.11
N LEU A 116 -16.25 19.66 -3.30
CA LEU A 116 -17.67 19.78 -3.64
C LEU A 116 -18.16 21.19 -3.62
N SER A 117 -17.48 22.05 -2.88
CA SER A 117 -17.92 23.41 -2.84
C SER A 117 -17.76 24.23 -4.16
N PRO A 118 -18.88 24.76 -4.68
CA PRO A 118 -18.89 25.73 -5.79
C PRO A 118 -17.93 26.91 -5.69
N ASP A 119 -17.71 27.46 -4.48
CA ASP A 119 -16.82 28.62 -4.24
C ASP A 119 -15.32 28.35 -4.38
N VAL A 120 -14.92 27.13 -4.68
CA VAL A 120 -13.49 26.84 -4.94
C VAL A 120 -13.34 26.29 -6.34
N MET A 121 -14.43 26.43 -7.13
CA MET A 121 -14.44 25.97 -8.52
C MET A 121 -14.52 27.15 -9.43
N ASN A 122 -14.13 26.98 -10.70
CA ASN A 122 -14.18 28.07 -11.70
C ASN A 122 -15.46 27.87 -12.49
N GLN A 123 -16.37 28.82 -12.33
CA GLN A 123 -17.74 28.60 -12.77
C GLN A 123 -18.07 29.32 -14.05
N PRO A 124 -18.91 28.73 -14.89
CA PRO A 124 -19.49 27.38 -14.76
C PRO A 124 -18.51 26.27 -15.15
N VAL A 125 -18.58 25.19 -14.38
CA VAL A 125 -17.69 24.04 -14.56
C VAL A 125 -17.98 23.22 -15.83
N THR A 126 -16.96 23.01 -16.65
CA THR A 126 -17.21 22.29 -17.90
C THR A 126 -16.99 20.82 -17.69
N PRO A 127 -17.98 19.96 -18.10
CA PRO A 127 -17.90 18.55 -17.70
C PRO A 127 -16.70 17.78 -18.23
N THR A 128 -16.12 18.25 -19.32
CA THR A 128 -14.93 17.63 -19.90
C THR A 128 -13.63 18.25 -19.38
N TRP A 129 -13.68 19.23 -18.48
CA TRP A 129 -12.41 19.75 -17.95
C TRP A 129 -12.42 20.05 -16.46
N TYR A 130 -12.89 19.08 -15.67
CA TYR A 130 -12.77 19.15 -14.22
C TYR A 130 -11.32 19.49 -13.88
N GLY A 131 -10.42 19.06 -14.76
CA GLY A 131 -8.97 19.40 -14.56
C GLY A 131 -8.66 20.89 -14.32
N LYS A 132 -9.32 21.74 -15.08
CA LYS A 132 -9.15 23.16 -15.01
C LYS A 132 -10.14 23.77 -14.03
N ASP A 133 -11.41 23.41 -14.16
CA ASP A 133 -12.48 24.05 -13.34
C ASP A 133 -12.63 23.68 -11.85
N ILE A 134 -12.09 22.53 -11.49
CA ILE A 134 -12.21 22.07 -10.10
C ILE A 134 -10.81 21.82 -9.52
N VAL A 135 -10.07 20.93 -10.14
CA VAL A 135 -8.69 20.65 -9.65
C VAL A 135 -7.78 21.90 -9.60
N ALA A 136 -7.53 22.52 -10.76
CA ALA A 136 -6.66 23.71 -10.80
C ALA A 136 -7.19 24.84 -9.92
N ALA A 137 -8.48 25.18 -10.04
CA ALA A 137 -9.11 26.28 -9.25
C ALA A 137 -9.01 26.01 -7.75
N CYS A 138 -9.28 24.77 -7.38
CA CYS A 138 -9.23 24.45 -5.96
C CYS A 138 -7.81 24.62 -5.49
N ALA A 139 -6.88 24.13 -6.31
CA ALA A 139 -5.43 24.21 -6.00
C ALA A 139 -5.04 25.65 -5.77
N ALA A 140 -5.52 26.54 -6.66
CA ALA A 140 -5.32 27.99 -6.52
C ALA A 140 -6.00 28.60 -5.30
N HIS A 141 -7.24 28.23 -5.02
CA HIS A 141 -7.87 28.69 -3.77
C HIS A 141 -7.10 28.35 -2.53
N LEU A 142 -6.55 27.15 -2.49
CA LEU A 142 -5.80 26.70 -1.30
C LEU A 142 -4.49 27.47 -1.22
N ALA A 143 -3.87 27.70 -2.37
CA ALA A 143 -2.62 28.43 -2.36
C ALA A 143 -2.96 29.85 -1.86
N ALA A 144 -4.18 30.27 -2.09
CA ALA A 144 -4.60 31.65 -1.82
C ALA A 144 -5.06 31.78 -0.37
N GLY A 145 -4.96 30.69 0.40
CA GLY A 145 -5.18 30.84 1.83
C GLY A 145 -6.46 30.19 2.29
N THR A 146 -7.23 29.62 1.36
CA THR A 146 -8.50 28.94 1.70
C THR A 146 -8.23 27.79 2.67
N ASP A 147 -9.08 27.65 3.69
CA ASP A 147 -9.10 26.54 4.62
C ASP A 147 -9.41 25.25 3.83
N LEU A 148 -8.68 24.18 4.12
CA LEU A 148 -8.95 22.89 3.46
C LEU A 148 -10.41 22.44 3.74
N ALA A 149 -10.88 22.69 4.95
CA ALA A 149 -12.16 22.18 5.32
C ALA A 149 -13.24 22.91 4.54
N ALA A 150 -12.91 24.07 3.97
CA ALA A 150 -13.91 24.80 3.16
C ALA A 150 -14.19 24.23 1.75
N VAL A 151 -13.53 23.15 1.35
CA VAL A 151 -13.65 22.66 -0.04
C VAL A 151 -14.82 21.67 -0.19
N GLY A 152 -15.18 21.09 0.92
CA GLY A 152 -16.21 20.06 0.87
C GLY A 152 -16.04 19.15 2.06
N PRO A 153 -16.76 18.04 2.08
CA PRO A 153 -16.92 17.09 3.19
C PRO A 153 -15.63 16.28 3.49
N ARG A 154 -15.30 16.10 4.77
CA ARG A 154 -14.13 15.32 5.12
C ARG A 154 -14.45 13.89 4.62
N ILE A 155 -13.45 13.13 4.24
CA ILE A 155 -13.67 11.72 3.98
C ILE A 155 -12.53 10.93 4.66
N ASP A 156 -12.73 9.64 4.90
CA ASP A 156 -11.68 8.85 5.53
C ASP A 156 -10.61 8.46 4.51
N PRO A 157 -9.31 8.40 4.94
CA PRO A 157 -8.23 8.08 3.98
C PRO A 157 -8.45 6.77 3.18
N LYS A 158 -9.20 5.79 3.71
CA LYS A 158 -9.46 4.54 2.97
C LYS A 158 -10.40 4.76 1.83
N GLN A 159 -11.14 5.86 1.90
CA GLN A 159 -11.95 6.31 0.75
C GLN A 159 -11.10 6.92 -0.42
N ILE A 160 -9.77 6.98 -0.28
CA ILE A 160 -8.90 7.42 -1.39
C ILE A 160 -8.54 6.22 -2.20
N VAL A 161 -8.83 6.23 -3.50
CA VAL A 161 -8.56 5.02 -4.35
C VAL A 161 -7.03 4.77 -4.45
N ARG A 162 -6.55 3.55 -4.16
CA ARG A 162 -5.10 3.20 -4.22
C ARG A 162 -4.83 2.20 -5.34
N LEU A 163 -3.69 2.33 -6.04
CA LEU A 163 -3.31 1.42 -7.16
C LEU A 163 -2.40 0.37 -6.54
N PRO A 164 -2.56 -0.95 -6.90
CA PRO A 164 -1.60 -2.03 -6.57
C PRO A 164 -0.22 -1.79 -7.20
N TYR A 165 0.85 -2.14 -6.49
CA TYR A 165 2.22 -1.90 -6.89
C TYR A 165 2.86 -3.24 -6.52
N ALA A 166 3.48 -3.95 -7.46
CA ALA A 166 4.15 -5.19 -7.05
C ALA A 166 5.38 -4.88 -6.18
N SER A 167 5.75 -5.86 -5.37
CA SER A 167 6.82 -5.72 -4.42
C SER A 167 7.84 -6.78 -4.82
N ALA A 168 9.14 -6.49 -4.73
CA ALA A 168 10.13 -7.53 -5.06
C ALA A 168 10.29 -8.50 -3.89
N SER A 169 10.73 -9.73 -4.18
CA SER A 169 10.94 -10.74 -3.12
C SER A 169 12.17 -11.65 -3.25
N GLU A 170 12.48 -12.39 -2.18
CA GLU A 170 13.50 -13.44 -2.16
C GLU A 170 12.90 -14.69 -2.75
N VAL A 171 13.63 -15.35 -3.63
CA VAL A 171 13.16 -16.58 -4.26
C VAL A 171 14.23 -17.67 -4.20
N GLU A 172 14.29 -18.50 -5.24
CA GLU A 172 15.33 -19.52 -5.41
C GLU A 172 16.64 -19.17 -4.69
N GLY A 173 17.54 -18.52 -5.43
CA GLY A 173 18.90 -18.25 -4.96
C GLY A 173 19.27 -16.79 -5.05
N GLY A 174 18.26 -15.91 -5.18
CA GLY A 174 18.46 -14.46 -5.18
C GLY A 174 17.19 -13.64 -4.89
N ILE A 175 16.91 -12.68 -5.77
CA ILE A 175 15.81 -11.75 -5.57
C ILE A 175 14.98 -11.57 -6.84
N ARG A 176 13.66 -11.67 -6.76
CA ARG A 176 12.84 -11.53 -7.97
C ARG A 176 11.96 -10.29 -7.89
N GLY A 177 12.08 -9.40 -8.88
CA GLY A 177 11.36 -8.13 -8.86
C GLY A 177 10.84 -7.92 -10.26
N GLU A 178 10.49 -6.68 -10.60
CA GLU A 178 10.03 -6.37 -11.96
C GLU A 178 10.37 -4.95 -12.47
N VAL A 179 10.26 -4.75 -13.78
CA VAL A 179 10.46 -3.45 -14.39
C VAL A 179 9.30 -2.57 -14.01
N VAL A 180 9.59 -1.46 -13.35
CA VAL A 180 8.56 -0.51 -12.93
C VAL A 180 8.35 0.50 -14.03
N ARG A 181 9.45 1.05 -14.54
CA ARG A 181 9.39 2.03 -15.60
C ARG A 181 10.74 2.11 -16.23
N ILE A 182 10.78 2.84 -17.33
CA ILE A 182 12.02 3.01 -18.09
C ILE A 182 12.41 4.48 -17.93
N ASP A 183 13.69 4.78 -17.73
CA ASP A 183 14.12 6.18 -17.81
C ASP A 183 14.30 6.60 -19.25
N ARG A 184 13.17 7.07 -19.83
CA ARG A 184 12.97 7.13 -21.27
C ARG A 184 13.95 8.04 -22.00
N ALA A 185 14.43 9.08 -21.31
CA ALA A 185 15.43 10.01 -21.89
C ALA A 185 16.73 9.30 -22.21
N PHE A 186 17.01 8.23 -21.46
CA PHE A 186 18.27 7.50 -21.61
C PHE A 186 18.16 6.05 -21.95
N GLY A 187 16.95 5.48 -21.82
CA GLY A 187 16.72 4.02 -21.90
C GLY A 187 17.26 3.15 -20.74
N ASN A 188 17.49 3.73 -19.57
CA ASN A 188 17.85 2.94 -18.41
C ASN A 188 16.58 2.21 -17.93
N VAL A 189 16.72 1.04 -17.33
CA VAL A 189 15.57 0.30 -16.84
C VAL A 189 15.46 0.36 -15.32
N TRP A 190 14.29 0.71 -14.82
CA TRP A 190 14.09 0.80 -13.42
C TRP A 190 13.23 -0.31 -12.87
N THR A 191 13.76 -0.95 -11.82
CA THR A 191 13.08 -2.03 -11.09
C THR A 191 12.46 -1.57 -9.76
N ASN A 192 11.71 -2.51 -9.16
CA ASN A 192 11.14 -2.40 -7.83
C ASN A 192 11.97 -3.12 -6.77
N ILE A 193 13.27 -3.33 -7.02
CA ILE A 193 14.16 -4.04 -6.08
C ILE A 193 14.87 -3.06 -5.14
N PRO A 194 14.46 -3.03 -3.82
CA PRO A 194 15.00 -2.08 -2.85
C PRO A 194 16.47 -2.35 -2.52
N THR A 195 17.17 -1.30 -2.08
CA THR A 195 18.56 -1.40 -1.66
C THR A 195 18.78 -2.60 -0.72
N HIS A 196 17.88 -2.84 0.24
CA HIS A 196 18.13 -3.83 1.31
C HIS A 196 18.17 -5.32 0.93
N LEU A 197 17.45 -5.69 -0.13
CA LEU A 197 17.33 -7.08 -0.51
C LEU A 197 18.60 -7.75 -1.04
N ILE A 198 19.48 -6.97 -1.64
CA ILE A 198 20.58 -7.57 -2.38
C ILE A 198 21.97 -7.45 -1.73
N GLY A 199 21.99 -7.00 -0.47
CA GLY A 199 23.25 -6.79 0.26
C GLY A 199 24.04 -8.06 0.56
N SER A 200 23.36 -9.19 0.45
CA SER A 200 23.95 -10.51 0.68
C SER A 200 24.84 -10.87 -0.51
N MET A 201 24.40 -10.47 -1.71
CA MET A 201 25.16 -10.74 -2.95
C MET A 201 26.01 -9.57 -3.36
N LEU A 202 26.04 -8.51 -2.54
CA LEU A 202 26.86 -7.32 -2.76
C LEU A 202 28.25 -7.50 -2.14
N GLN A 203 28.32 -8.40 -1.16
CA GLN A 203 29.50 -8.63 -0.34
C GLN A 203 30.79 -8.85 -1.14
N ASP A 204 30.74 -9.80 -2.07
CA ASP A 204 31.97 -10.40 -2.61
C ASP A 204 32.70 -9.71 -3.80
N GLY A 205 32.22 -8.54 -4.23
CA GLY A 205 32.82 -7.82 -5.36
C GLY A 205 32.68 -8.48 -6.74
N GLU A 206 32.07 -9.68 -6.77
CA GLU A 206 31.84 -10.39 -8.02
C GLU A 206 30.63 -9.86 -8.78
N ARG A 207 30.64 -10.02 -10.10
CA ARG A 207 29.48 -9.73 -10.96
C ARG A 207 28.22 -10.56 -10.57
N LEU A 208 27.05 -10.04 -10.92
CA LEU A 208 25.80 -10.74 -10.59
C LEU A 208 25.13 -11.33 -11.81
N GLU A 209 24.27 -12.33 -11.59
CA GLU A 209 23.47 -12.90 -12.68
C GLU A 209 22.13 -12.17 -12.77
N VAL A 210 21.79 -11.69 -13.95
CA VAL A 210 20.45 -11.11 -14.10
C VAL A 210 19.73 -11.75 -15.27
N LYS A 211 18.62 -12.43 -14.97
CA LYS A 211 17.68 -12.89 -15.96
C LYS A 211 16.44 -12.01 -16.09
N ILE A 212 16.07 -11.74 -17.32
CA ILE A 212 14.91 -10.97 -17.68
C ILE A 212 14.09 -11.94 -18.51
N GLU A 213 12.97 -12.38 -18.00
CA GLU A 213 12.35 -13.56 -18.61
C GLU A 213 11.54 -13.26 -19.88
N ALA A 214 11.26 -11.98 -20.10
CA ALA A 214 10.36 -11.52 -21.18
C ALA A 214 11.00 -11.57 -22.54
N LEU A 215 12.32 -11.79 -22.57
CA LEU A 215 13.09 -11.78 -23.81
C LEU A 215 13.65 -13.16 -24.11
N SER A 216 12.77 -14.08 -24.54
CA SER A 216 13.16 -15.51 -24.73
C SER A 216 14.08 -16.02 -23.60
N ASP A 217 14.04 -15.33 -22.45
CA ASP A 217 14.70 -15.73 -21.18
C ASP A 217 16.15 -15.23 -20.99
N THR A 218 16.53 -14.10 -21.61
CA THR A 218 17.88 -13.50 -21.48
C THR A 218 18.57 -13.59 -20.12
N VAL A 219 19.79 -14.12 -20.13
CA VAL A 219 20.70 -14.10 -18.98
C VAL A 219 22.00 -13.28 -19.22
N LEU A 220 22.17 -12.19 -18.47
CA LEU A 220 23.38 -11.39 -18.50
C LEU A 220 24.16 -11.58 -17.21
N GLU A 221 25.48 -11.52 -17.33
CA GLU A 221 26.33 -11.38 -16.16
C GLU A 221 26.68 -9.89 -16.08
N LEU A 222 26.56 -9.28 -14.91
CA LEU A 222 26.70 -7.81 -14.86
C LEU A 222 27.32 -7.28 -13.58
N PRO A 223 28.30 -6.37 -13.73
CA PRO A 223 28.89 -5.59 -12.70
C PRO A 223 27.93 -4.64 -11.96
N PHE A 224 27.91 -4.75 -10.64
CA PHE A 224 27.14 -3.83 -9.81
C PHE A 224 27.96 -2.61 -9.47
N CYS A 225 27.50 -1.47 -9.98
CA CYS A 225 28.26 -0.25 -9.97
C CYS A 225 27.62 0.86 -9.13
N LYS A 226 28.40 1.86 -8.75
CA LYS A 226 27.85 3.04 -8.08
C LYS A 226 27.22 3.97 -9.19
N THR A 227 27.90 4.01 -10.35
CA THR A 227 27.56 4.94 -11.37
C THR A 227 28.00 4.42 -12.74
N PHE A 228 27.51 5.10 -13.79
CA PHE A 228 27.64 4.66 -15.15
C PHE A 228 29.09 4.61 -15.55
N GLY A 229 29.84 5.61 -15.10
CA GLY A 229 31.22 5.86 -15.58
C GLY A 229 32.20 4.78 -15.18
N GLU A 230 31.73 3.85 -14.37
CA GLU A 230 32.59 2.82 -13.78
C GLU A 230 32.87 1.66 -14.71
N VAL A 231 32.19 1.59 -15.85
CA VAL A 231 32.49 0.59 -16.88
C VAL A 231 32.83 1.32 -18.14
N ASP A 232 33.21 0.59 -19.21
CA ASP A 232 33.62 1.29 -20.40
C ASP A 232 32.32 1.78 -21.05
N GLU A 233 32.43 2.80 -21.88
CA GLU A 233 31.33 3.32 -22.66
C GLU A 233 30.68 2.22 -23.46
N GLY A 234 29.33 2.18 -23.42
CA GLY A 234 28.55 1.20 -24.16
C GLY A 234 28.41 -0.15 -23.51
N GLN A 235 29.09 -0.35 -22.38
CA GLN A 235 29.01 -1.59 -21.62
C GLN A 235 27.90 -1.50 -20.57
N PRO A 236 27.20 -2.62 -20.34
CA PRO A 236 26.14 -2.65 -19.33
C PRO A 236 26.53 -2.65 -17.83
N LEU A 237 25.69 -2.02 -17.04
CA LEU A 237 25.88 -2.07 -15.60
C LEU A 237 24.56 -2.28 -14.87
N LEU A 238 24.69 -2.71 -13.62
CA LEU A 238 23.66 -2.66 -12.62
C LEU A 238 24.04 -1.57 -11.60
N TYR A 239 23.07 -0.90 -11.02
CA TYR A 239 23.29 0.22 -10.08
C TYR A 239 22.02 0.52 -9.33
N LEU A 240 22.19 1.22 -8.19
CA LEU A 240 21.09 1.80 -7.45
C LEU A 240 20.73 3.20 -8.01
N ASN A 241 19.52 3.34 -8.54
CA ASN A 241 19.14 4.65 -9.08
C ASN A 241 18.95 5.69 -7.98
N SER A 242 18.45 6.84 -8.39
CA SER A 242 18.41 8.02 -7.57
C SER A 242 17.37 8.02 -6.45
N ARG A 243 16.46 7.06 -6.39
CA ARG A 243 16.05 6.70 -5.01
C ARG A 243 15.80 5.26 -4.76
N GLY A 244 16.94 4.59 -4.79
CA GLY A 244 17.09 3.47 -3.90
C GLY A 244 16.47 2.26 -4.51
N ARG A 245 16.35 2.28 -5.83
CA ARG A 245 16.02 1.03 -6.56
C ARG A 245 17.12 0.56 -7.49
N LEU A 246 17.25 -0.76 -7.61
CA LEU A 246 18.06 -1.35 -8.63
C LEU A 246 17.66 -1.01 -10.11
N ALA A 247 18.66 -0.64 -10.89
CA ALA A 247 18.48 -0.38 -12.27
C ALA A 247 19.60 -0.94 -13.13
N LEU A 248 19.27 -0.96 -14.42
CA LEU A 248 20.16 -1.43 -15.45
C LEU A 248 20.39 -0.32 -16.45
N GLY A 249 21.63 -0.10 -16.87
CA GLY A 249 21.85 0.72 -18.07
C GLY A 249 23.11 0.38 -18.86
N LEU A 250 23.29 0.99 -20.04
CA LEU A 250 24.61 1.03 -20.73
C LEU A 250 25.23 2.36 -20.45
N ASN A 251 26.54 2.34 -20.21
CA ASN A 251 27.29 3.58 -20.10
C ASN A 251 27.33 4.39 -21.40
N GLN A 252 26.63 5.54 -21.32
CA GLN A 252 26.47 6.52 -22.38
C GLN A 252 25.90 5.84 -23.67
N SER A 253 24.91 4.97 -23.49
CA SER A 253 24.15 4.33 -24.57
C SER A 253 22.77 4.02 -23.99
N ASN A 254 21.96 3.34 -24.78
CA ASN A 254 20.56 3.02 -24.47
C ASN A 254 20.31 1.51 -24.29
N PHE A 255 20.12 1.13 -23.02
CA PHE A 255 20.00 -0.27 -22.62
C PHE A 255 18.80 -0.95 -23.28
N ILE A 256 17.63 -0.30 -23.23
CA ILE A 256 16.40 -0.96 -23.72
C ILE A 256 16.35 -1.15 -25.23
N GLU A 257 17.05 -0.27 -25.97
CA GLU A 257 17.25 -0.42 -27.42
C GLU A 257 18.03 -1.69 -27.72
N LYS A 258 18.93 -2.07 -26.80
CA LYS A 258 19.66 -3.34 -26.90
C LYS A 258 18.91 -4.59 -26.38
N TRP A 259 18.32 -4.47 -25.18
CA TRP A 259 17.53 -5.53 -24.54
C TRP A 259 16.09 -5.04 -24.21
N PRO A 260 15.17 -5.11 -25.19
CA PRO A 260 13.81 -4.52 -25.19
C PRO A 260 12.79 -4.94 -24.11
N VAL A 261 13.05 -4.56 -22.86
CA VAL A 261 12.11 -4.82 -21.77
C VAL A 261 10.98 -3.78 -21.71
N VAL A 262 9.83 -4.23 -21.22
CA VAL A 262 8.75 -3.33 -20.82
C VAL A 262 8.49 -3.44 -19.31
N PRO A 263 7.83 -2.41 -18.73
CA PRO A 263 7.20 -2.51 -17.39
C PRO A 263 6.36 -3.79 -17.21
N GLY A 264 6.51 -4.48 -16.08
CA GLY A 264 5.84 -5.75 -15.87
C GLY A 264 6.76 -6.93 -15.98
N ASP A 265 7.72 -6.82 -16.90
CA ASP A 265 8.72 -7.85 -17.09
C ASP A 265 9.44 -8.17 -15.79
N SER A 266 9.50 -9.47 -15.49
CA SER A 266 10.24 -10.00 -14.35
C SER A 266 11.79 -9.88 -14.45
N ILE A 267 12.44 -9.44 -13.35
CA ILE A 267 13.91 -9.47 -13.20
C ILE A 267 14.37 -10.19 -11.92
N THR A 268 15.14 -11.27 -12.09
CA THR A 268 15.81 -11.90 -10.95
C THR A 268 17.31 -11.61 -10.99
N VAL A 269 17.84 -11.25 -9.82
CA VAL A 269 19.27 -11.03 -9.64
C VAL A 269 19.69 -12.10 -8.65
N SER A 270 20.87 -12.65 -8.87
CA SER A 270 21.43 -13.69 -8.00
C SER A 270 22.96 -13.65 -8.09
N PRO A 271 23.65 -14.19 -7.06
CA PRO A 271 25.12 -14.18 -7.04
C PRO A 271 25.73 -15.03 -8.18
N HIS B 3 -10.74 -25.83 -4.18
CA HIS B 3 -10.54 -25.14 -2.87
C HIS B 3 -11.39 -25.74 -1.75
N ASN B 4 -10.90 -26.83 -1.14
CA ASN B 4 -11.61 -27.61 -0.11
C ASN B 4 -11.47 -27.18 1.36
N LEU B 5 -10.64 -26.19 1.63
CA LEU B 5 -10.43 -25.57 2.96
C LEU B 5 -10.98 -24.12 3.03
N ILE B 6 -11.84 -23.88 4.00
CA ILE B 6 -12.41 -22.55 4.17
C ILE B 6 -11.96 -22.07 5.50
N ALA B 7 -11.27 -20.95 5.49
CA ALA B 7 -10.76 -20.33 6.68
C ALA B 7 -11.59 -19.07 6.93
N PHE B 8 -12.08 -18.88 8.16
CA PHE B 8 -13.27 -18.10 8.48
C PHE B 8 -13.05 -17.13 9.66
N LEU B 9 -13.25 -15.85 9.43
CA LEU B 9 -13.02 -14.85 10.48
C LEU B 9 -14.18 -13.92 10.57
N SER B 10 -14.42 -13.35 11.75
CA SER B 10 -15.49 -12.36 11.86
C SER B 10 -15.36 -11.54 13.12
N ASP B 11 -16.32 -10.65 13.34
CA ASP B 11 -16.47 -9.95 14.62
C ASP B 11 -17.72 -10.37 15.36
N VAL B 12 -18.38 -11.46 14.94
CA VAL B 12 -19.64 -11.86 15.64
C VAL B 12 -19.44 -12.62 16.95
N GLY B 13 -18.20 -12.93 17.30
CA GLY B 13 -17.97 -13.64 18.54
C GLY B 13 -18.14 -15.13 18.49
N SER B 14 -17.57 -15.80 19.47
CA SER B 14 -17.74 -17.21 19.52
C SER B 14 -18.60 -17.66 20.70
N ALA B 15 -19.28 -16.72 21.36
CA ALA B 15 -19.94 -16.98 22.62
C ALA B 15 -21.41 -17.29 22.45
N ASP B 16 -21.90 -17.16 21.21
CA ASP B 16 -23.25 -17.60 20.88
C ASP B 16 -23.26 -18.44 19.62
N GLU B 17 -24.43 -18.76 19.11
CA GLU B 17 -24.57 -19.68 17.94
C GLU B 17 -24.29 -19.04 16.58
N ALA B 18 -24.13 -17.72 16.53
CA ALA B 18 -24.12 -17.03 15.21
C ALA B 18 -23.07 -17.55 14.26
N HIS B 19 -21.81 -17.55 14.69
CA HIS B 19 -20.74 -17.90 13.80
C HIS B 19 -20.99 -19.37 13.29
N ALA B 20 -21.73 -20.18 14.07
CA ALA B 20 -21.96 -21.62 13.75
C ALA B 20 -23.09 -21.79 12.72
N LEU B 21 -24.07 -20.92 12.81
CA LEU B 21 -25.06 -20.84 11.73
C LEU B 21 -24.40 -20.69 10.34
N CYS B 22 -23.40 -19.81 10.26
CA CYS B 22 -22.71 -19.46 9.01
C CYS B 22 -22.04 -20.71 8.59
N LYS B 23 -21.33 -21.38 9.49
CA LYS B 23 -20.80 -22.72 9.19
C LYS B 23 -21.85 -23.74 8.69
N GLY B 24 -23.01 -23.78 9.33
CA GLY B 24 -24.09 -24.68 8.86
C GLY B 24 -24.46 -24.38 7.42
N VAL B 25 -24.71 -23.11 7.14
CA VAL B 25 -24.95 -22.69 5.73
C VAL B 25 -23.84 -23.13 4.75
N MET B 26 -22.57 -23.01 5.17
CA MET B 26 -21.46 -23.39 4.30
C MET B 26 -21.43 -24.87 4.02
N TYR B 27 -21.56 -25.68 5.08
CA TYR B 27 -21.65 -27.13 5.02
C TYR B 27 -22.75 -27.68 4.17
N GLY B 28 -23.92 -27.04 4.19
CA GLY B 28 -24.99 -27.52 3.31
C GLY B 28 -24.54 -27.40 1.85
N VAL B 29 -23.81 -26.32 1.56
CA VAL B 29 -23.46 -25.96 0.18
C VAL B 29 -22.28 -26.72 -0.31
N ALA B 30 -21.30 -26.88 0.59
CA ALA B 30 -20.02 -27.52 0.30
C ALA B 30 -19.75 -28.55 1.37
N PRO B 31 -20.49 -29.69 1.30
CA PRO B 31 -20.42 -30.82 2.21
C PRO B 31 -19.08 -31.52 2.24
N ALA B 32 -18.32 -31.45 1.16
CA ALA B 32 -16.95 -31.94 1.08
C ALA B 32 -15.91 -31.05 1.80
N ALA B 33 -16.27 -29.79 2.06
CA ALA B 33 -15.37 -28.85 2.72
C ALA B 33 -15.06 -29.12 4.19
N THR B 34 -13.81 -28.77 4.51
CA THR B 34 -13.26 -28.56 5.85
C THR B 34 -13.34 -27.04 6.18
N ILE B 35 -13.81 -26.72 7.37
CA ILE B 35 -13.90 -25.31 7.78
C ILE B 35 -13.08 -25.23 9.02
N VAL B 36 -12.28 -24.17 9.09
CA VAL B 36 -11.42 -23.83 10.25
C VAL B 36 -11.60 -22.33 10.55
N ASP B 37 -11.83 -22.01 11.82
CA ASP B 37 -11.98 -20.65 12.26
C ASP B 37 -10.67 -19.96 12.35
N ILE B 38 -10.59 -18.73 11.86
CA ILE B 38 -9.45 -17.87 12.16
C ILE B 38 -9.69 -17.31 13.55
N THR B 39 -10.64 -16.41 13.68
CA THR B 39 -11.19 -16.03 15.02
C THR B 39 -12.47 -15.35 14.68
N HIS B 40 -13.43 -15.42 15.63
CA HIS B 40 -14.66 -14.70 15.64
C HIS B 40 -14.63 -13.62 16.69
N ASP B 41 -13.46 -13.44 17.29
CA ASP B 41 -13.22 -12.33 18.27
C ASP B 41 -12.67 -10.96 17.84
N VAL B 42 -12.54 -10.67 16.55
CA VAL B 42 -12.27 -9.28 16.18
C VAL B 42 -13.19 -8.33 17.00
N ALA B 43 -12.67 -7.19 17.45
CA ALA B 43 -13.50 -6.18 18.13
C ALA B 43 -14.66 -5.72 17.24
N PRO B 44 -15.86 -5.53 17.82
CA PRO B 44 -16.99 -5.28 16.89
C PRO B 44 -16.82 -4.05 15.95
N PHE B 45 -17.14 -4.24 14.66
CA PHE B 45 -17.05 -3.20 13.61
C PHE B 45 -15.59 -2.83 13.33
N ASP B 46 -14.62 -3.57 13.90
CA ASP B 46 -13.23 -3.03 13.88
C ASP B 46 -12.52 -3.67 12.73
N VAL B 47 -12.57 -3.02 11.58
CA VAL B 47 -12.28 -3.68 10.31
C VAL B 47 -10.76 -3.65 10.24
N ARG B 48 -10.16 -2.67 10.91
CA ARG B 48 -8.73 -2.62 10.89
C ARG B 48 -8.14 -3.70 11.79
N GLU B 49 -8.82 -4.03 12.88
CA GLU B 49 -8.26 -5.09 13.72
C GLU B 49 -8.33 -6.37 12.93
N GLY B 50 -9.47 -6.66 12.28
CA GLY B 50 -9.62 -7.87 11.41
C GLY B 50 -8.61 -7.92 10.27
N ALA B 51 -8.30 -6.78 9.68
CA ALA B 51 -7.37 -6.68 8.57
C ALA B 51 -5.96 -7.13 8.97
N LEU B 52 -5.57 -6.67 10.15
CA LEU B 52 -4.32 -7.06 10.81
C LEU B 52 -4.31 -8.52 11.19
N PHE B 53 -5.45 -9.06 11.61
CA PHE B 53 -5.47 -10.48 11.89
C PHE B 53 -5.22 -11.30 10.60
N LEU B 54 -5.67 -10.77 9.46
CA LEU B 54 -5.62 -11.53 8.20
C LEU B 54 -4.31 -11.40 7.48
N ALA B 55 -3.48 -10.49 7.95
CA ALA B 55 -2.27 -10.12 7.19
C ALA B 55 -1.45 -11.36 6.89
N ASP B 56 -1.36 -12.24 7.88
CA ASP B 56 -0.45 -13.34 7.77
C ASP B 56 -1.10 -14.63 7.32
N VAL B 57 -2.42 -14.59 7.11
CA VAL B 57 -3.21 -15.76 6.78
C VAL B 57 -2.86 -16.32 5.37
N PRO B 58 -2.79 -15.46 4.33
CA PRO B 58 -2.42 -16.08 3.07
C PRO B 58 -1.13 -16.96 3.11
N HIS B 59 -0.10 -16.50 3.81
CA HIS B 59 1.18 -17.25 3.82
C HIS B 59 1.13 -18.54 4.62
N SER B 60 0.44 -18.52 5.75
CA SER B 60 0.31 -19.72 6.56
C SER B 60 -0.65 -20.74 5.96
N PHE B 61 -1.68 -20.31 5.23
CA PHE B 61 -2.65 -21.26 4.66
C PHE B 61 -2.26 -21.81 3.30
N PRO B 62 -2.61 -23.08 3.02
CA PRO B 62 -2.34 -23.63 1.69
C PRO B 62 -3.04 -22.94 0.56
N ALA B 63 -2.58 -23.23 -0.66
CA ALA B 63 -3.16 -22.59 -1.81
C ALA B 63 -4.65 -22.98 -2.02
N HIS B 64 -5.11 -24.10 -1.47
CA HIS B 64 -6.46 -24.58 -1.72
C HIS B 64 -7.48 -24.09 -0.68
N THR B 65 -7.23 -22.88 -0.21
CA THR B 65 -8.01 -22.30 0.87
C THR B 65 -8.89 -21.20 0.25
N VAL B 66 -10.15 -21.14 0.73
CA VAL B 66 -11.01 -19.98 0.61
C VAL B 66 -10.96 -19.23 1.95
N ILE B 67 -10.51 -17.99 1.93
CA ILE B 67 -10.41 -17.15 3.14
C ILE B 67 -11.69 -16.34 3.14
N CYS B 68 -12.58 -16.73 4.03
CA CYS B 68 -13.89 -16.14 4.16
C CYS B 68 -13.95 -15.17 5.33
N ALA B 69 -14.27 -13.90 5.11
CA ALA B 69 -14.17 -12.98 6.25
C ALA B 69 -15.25 -11.93 6.24
N THR B 70 -15.72 -11.63 7.44
CA THR B 70 -16.81 -10.72 7.56
C THR B 70 -16.81 -9.93 8.89
N VAL B 71 -16.45 -8.70 8.72
CA VAL B 71 -16.63 -7.68 9.73
C VAL B 71 -17.31 -6.65 8.87
N TYR B 72 -18.59 -6.43 9.09
CA TYR B 72 -19.39 -5.83 8.00
C TYR B 72 -20.49 -4.98 8.55
N PRO B 73 -20.11 -3.90 9.29
CA PRO B 73 -21.11 -2.99 9.81
C PRO B 73 -21.80 -2.21 8.68
N GLU B 74 -21.24 -2.26 7.46
CA GLU B 74 -21.93 -1.75 6.28
C GLU B 74 -22.94 -2.72 5.66
N THR B 75 -23.31 -3.79 6.39
CA THR B 75 -24.14 -4.86 5.81
C THR B 75 -25.49 -4.23 5.38
N GLY B 76 -26.00 -4.66 4.23
CA GLY B 76 -27.30 -4.20 3.75
C GLY B 76 -27.29 -2.79 3.17
N THR B 77 -26.13 -2.32 2.74
CA THR B 77 -26.00 -0.99 2.08
C THR B 77 -25.35 -1.17 0.70
N ALA B 78 -24.93 -0.06 0.10
CA ALA B 78 -24.11 -0.04 -1.14
C ALA B 78 -22.70 -0.67 -1.03
N THR B 79 -22.21 -0.98 0.17
CA THR B 79 -20.90 -1.68 0.21
C THR B 79 -21.01 -3.14 -0.12
N HIS B 80 -20.48 -3.47 -1.29
CA HIS B 80 -20.58 -4.83 -1.77
C HIS B 80 -19.53 -5.78 -1.21
N THR B 81 -19.88 -7.04 -1.32
CA THR B 81 -18.97 -8.14 -1.16
C THR B 81 -18.19 -8.36 -2.47
N ILE B 82 -16.92 -8.68 -2.30
CA ILE B 82 -16.03 -9.03 -3.39
C ILE B 82 -15.42 -10.40 -3.25
N ALA B 83 -15.00 -10.95 -4.40
CA ALA B 83 -14.39 -12.27 -4.46
C ALA B 83 -13.10 -12.05 -5.26
N VAL B 84 -12.02 -12.60 -4.72
CA VAL B 84 -10.69 -12.30 -5.22
C VAL B 84 -9.98 -13.63 -5.35
N ARG B 85 -9.27 -13.82 -6.44
CA ARG B 85 -8.18 -14.76 -6.48
C ARG B 85 -6.81 -14.07 -6.26
N ASN B 86 -6.02 -14.57 -5.33
CA ASN B 86 -4.67 -14.06 -5.17
C ASN B 86 -3.52 -14.77 -5.92
N GLU B 87 -2.31 -14.25 -5.78
CA GLU B 87 -1.11 -14.79 -6.47
C GLU B 87 -0.74 -16.18 -6.05
N LYS B 88 -1.16 -16.52 -4.84
CA LYS B 88 -0.87 -17.85 -4.29
C LYS B 88 -1.87 -18.85 -4.86
N GLY B 89 -2.95 -18.30 -5.43
CA GLY B 89 -4.06 -19.12 -6.00
C GLY B 89 -5.22 -19.33 -5.03
N GLN B 90 -5.11 -18.70 -3.86
CA GLN B 90 -6.16 -18.74 -2.87
C GLN B 90 -7.30 -17.85 -3.32
N LEU B 91 -8.49 -18.11 -2.80
CA LEU B 91 -9.66 -17.23 -3.03
C LEU B 91 -9.94 -16.55 -1.69
N LEU B 92 -10.51 -15.38 -1.76
CA LEU B 92 -10.83 -14.57 -0.57
C LEU B 92 -12.15 -13.88 -0.85
N VAL B 93 -13.10 -14.03 0.08
CA VAL B 93 -14.45 -13.38 0.00
C VAL B 93 -14.69 -12.47 1.20
N GLY B 94 -15.11 -11.23 0.97
CA GLY B 94 -15.40 -10.33 2.10
C GLY B 94 -15.96 -9.00 1.71
N PRO B 95 -16.40 -8.17 2.69
CA PRO B 95 -16.93 -6.84 2.35
C PRO B 95 -15.80 -6.04 1.70
N ASN B 96 -16.14 -5.18 0.77
CA ASN B 96 -15.13 -4.32 0.15
C ASN B 96 -15.03 -3.07 1.06
N ASN B 97 -14.46 -3.24 2.25
CA ASN B 97 -14.43 -2.12 3.23
C ASN B 97 -13.05 -1.88 3.81
N GLY B 98 -12.07 -2.47 3.15
CA GLY B 98 -10.69 -2.45 3.60
C GLY B 98 -10.29 -3.71 4.36
N LEU B 99 -11.26 -4.58 4.66
CA LEU B 99 -10.89 -5.72 5.58
C LEU B 99 -9.79 -6.59 4.98
N LEU B 100 -9.85 -6.80 3.67
CA LEU B 100 -8.86 -7.63 3.03
C LEU B 100 -7.49 -6.95 2.69
N SER B 101 -7.29 -5.69 3.11
CA SER B 101 -6.15 -4.83 2.71
C SER B 101 -4.80 -5.43 3.01
N PHE B 102 -4.62 -6.04 4.19
CA PHE B 102 -3.26 -6.48 4.55
C PHE B 102 -2.99 -7.91 4.03
N ALA B 103 -4.03 -8.70 3.94
CA ALA B 103 -4.03 -9.99 3.29
C ALA B 103 -3.56 -9.89 1.81
N LEU B 104 -4.02 -8.84 1.10
CA LEU B 104 -3.65 -8.56 -0.27
C LEU B 104 -2.30 -7.89 -0.42
N ASP B 105 -1.78 -7.33 0.67
CA ASP B 105 -0.42 -6.83 0.67
C ASP B 105 0.54 -8.00 0.59
N ALA B 106 0.15 -9.14 1.17
CA ALA B 106 1.05 -10.29 1.27
C ALA B 106 1.01 -11.14 0.01
N SER B 107 -0.10 -11.08 -0.67
CA SER B 107 -0.30 -11.83 -1.89
C SER B 107 -1.35 -11.07 -2.64
N PRO B 108 -0.91 -10.22 -3.57
CA PRO B 108 -1.91 -9.39 -4.32
C PRO B 108 -3.01 -10.08 -5.16
N ALA B 109 -4.10 -9.33 -5.33
CA ALA B 109 -5.17 -9.66 -6.29
C ALA B 109 -4.73 -9.82 -7.73
N VAL B 110 -5.17 -10.91 -8.37
CA VAL B 110 -4.93 -11.15 -9.79
C VAL B 110 -6.25 -10.95 -10.51
N GLU B 111 -7.35 -11.34 -9.89
CA GLU B 111 -8.71 -11.15 -10.48
C GLU B 111 -9.62 -10.82 -9.32
N CYS B 112 -10.60 -9.95 -9.56
CA CYS B 112 -11.56 -9.56 -8.54
C CYS B 112 -12.93 -9.33 -9.16
N HIS B 113 -13.93 -9.79 -8.44
CA HIS B 113 -15.35 -9.72 -8.88
C HIS B 113 -16.19 -9.20 -7.74
N GLU B 114 -17.27 -8.48 -8.02
CA GLU B 114 -18.21 -8.16 -6.96
C GLU B 114 -19.20 -9.28 -6.85
N VAL B 115 -19.58 -9.62 -5.65
CA VAL B 115 -20.49 -10.75 -5.49
C VAL B 115 -21.95 -10.22 -5.60
N LEU B 116 -22.57 -10.44 -6.78
CA LEU B 116 -23.90 -9.87 -7.11
C LEU B 116 -24.88 -10.89 -7.54
N SER B 117 -24.38 -12.00 -8.04
CA SER B 117 -25.27 -13.04 -8.44
C SER B 117 -26.02 -13.73 -7.26
N PRO B 118 -27.36 -13.72 -7.36
CA PRO B 118 -28.31 -14.40 -6.46
C PRO B 118 -28.02 -15.88 -6.28
N ASP B 119 -27.39 -16.50 -7.28
CA ASP B 119 -27.21 -17.94 -7.28
C ASP B 119 -26.08 -18.38 -6.38
N VAL B 120 -25.32 -17.45 -5.83
CA VAL B 120 -24.21 -17.79 -4.92
C VAL B 120 -24.55 -17.24 -3.54
N MET B 121 -25.79 -16.78 -3.36
CA MET B 121 -26.26 -16.26 -2.07
C MET B 121 -27.20 -17.24 -1.43
N ASN B 122 -27.41 -17.10 -0.12
CA ASN B 122 -28.41 -17.89 0.62
C ASN B 122 -29.67 -17.03 0.68
N GLN B 123 -30.71 -17.49 0.02
CA GLN B 123 -31.86 -16.64 -0.15
C GLN B 123 -33.01 -17.03 0.77
N PRO B 124 -33.82 -16.07 1.18
CA PRO B 124 -33.71 -14.62 1.00
C PRO B 124 -32.62 -14.05 1.89
N VAL B 125 -31.79 -13.20 1.30
CA VAL B 125 -30.69 -12.49 1.96
C VAL B 125 -31.20 -11.48 2.99
N THR B 126 -30.75 -11.62 4.23
CA THR B 126 -31.24 -10.67 5.27
C THR B 126 -30.30 -9.48 5.32
N PRO B 127 -30.86 -8.25 5.29
CA PRO B 127 -30.06 -7.04 5.18
C PRO B 127 -29.01 -6.87 6.25
N THR B 128 -29.25 -7.42 7.45
CA THR B 128 -28.33 -7.28 8.58
C THR B 128 -27.33 -8.41 8.73
N TRP B 129 -27.35 -9.40 7.85
CA TRP B 129 -26.36 -10.40 7.94
C TRP B 129 -25.86 -10.82 6.57
N TYR B 130 -25.40 -9.86 5.75
CA TYR B 130 -24.67 -10.18 4.52
C TYR B 130 -23.52 -11.18 4.79
N GLY B 131 -22.98 -11.07 5.98
CA GLY B 131 -21.91 -12.01 6.47
C GLY B 131 -22.25 -13.46 6.22
N LYS B 132 -23.49 -13.83 6.46
CA LYS B 132 -23.94 -15.19 6.36
C LYS B 132 -24.49 -15.43 4.97
N ASP B 133 -25.42 -14.57 4.57
CA ASP B 133 -26.17 -14.84 3.32
C ASP B 133 -25.46 -14.53 2.00
N ILE B 134 -24.37 -13.77 2.11
CA ILE B 134 -23.59 -13.47 0.90
C ILE B 134 -22.14 -13.97 1.02
N VAL B 135 -21.43 -13.46 1.99
CA VAL B 135 -20.00 -13.83 2.19
C VAL B 135 -19.77 -15.36 2.39
N ALA B 136 -20.42 -15.95 3.39
CA ALA B 136 -20.18 -17.35 3.71
C ALA B 136 -20.72 -18.18 2.58
N ALA B 137 -21.94 -17.89 2.12
CA ALA B 137 -22.57 -18.65 1.04
C ALA B 137 -21.70 -18.72 -0.21
N CYS B 138 -21.31 -17.55 -0.69
CA CYS B 138 -20.44 -17.47 -1.87
C CYS B 138 -19.16 -18.24 -1.63
N ALA B 139 -18.60 -18.12 -0.44
CA ALA B 139 -17.33 -18.77 -0.16
C ALA B 139 -17.54 -20.27 -0.19
N ALA B 140 -18.66 -20.74 0.34
CA ALA B 140 -19.06 -22.15 0.17
C ALA B 140 -19.28 -22.55 -1.29
N HIS B 141 -19.92 -21.69 -2.08
CA HIS B 141 -20.09 -22.04 -3.50
C HIS B 141 -18.73 -22.18 -4.17
N LEU B 142 -17.79 -21.34 -3.81
CA LEU B 142 -16.49 -21.36 -4.46
C LEU B 142 -15.76 -22.65 -4.04
N ALA B 143 -15.85 -23.01 -2.77
CA ALA B 143 -15.26 -24.26 -2.27
C ALA B 143 -15.87 -25.42 -3.03
N ALA B 144 -17.16 -25.28 -3.33
CA ALA B 144 -17.90 -26.34 -4.01
C ALA B 144 -17.57 -26.42 -5.50
N GLY B 145 -16.74 -25.53 -6.02
CA GLY B 145 -16.26 -25.67 -7.39
C GLY B 145 -16.82 -24.64 -8.33
N THR B 146 -17.59 -23.68 -7.80
CA THR B 146 -18.11 -22.55 -8.59
C THR B 146 -16.99 -21.72 -9.19
N ASP B 147 -17.18 -21.32 -10.46
CA ASP B 147 -16.28 -20.41 -11.17
C ASP B 147 -16.35 -19.08 -10.46
N LEU B 148 -15.19 -18.46 -10.23
CA LEU B 148 -15.16 -17.12 -9.70
C LEU B 148 -15.92 -16.10 -10.58
N ALA B 149 -15.85 -16.29 -11.90
CA ALA B 149 -16.51 -15.37 -12.83
C ALA B 149 -18.03 -15.46 -12.72
N ALA B 150 -18.53 -16.52 -12.10
CA ALA B 150 -19.97 -16.67 -12.00
C ALA B 150 -20.60 -15.90 -10.84
N VAL B 151 -19.79 -15.25 -10.00
CA VAL B 151 -20.29 -14.57 -8.78
C VAL B 151 -20.79 -13.15 -9.06
N GLY B 152 -20.37 -12.59 -10.17
CA GLY B 152 -20.74 -11.20 -10.46
C GLY B 152 -19.68 -10.58 -11.32
N PRO B 153 -19.79 -9.27 -11.62
CA PRO B 153 -18.95 -8.52 -12.57
C PRO B 153 -17.47 -8.31 -12.11
N ARG B 154 -16.53 -8.46 -13.04
CA ARG B 154 -15.12 -8.26 -12.70
C ARG B 154 -14.98 -6.79 -12.31
N ILE B 155 -14.06 -6.49 -11.44
CA ILE B 155 -13.73 -5.09 -11.17
C ILE B 155 -12.20 -4.97 -11.17
N ASP B 156 -11.66 -3.79 -11.41
CA ASP B 156 -10.21 -3.57 -11.36
C ASP B 156 -9.72 -3.61 -9.90
N PRO B 157 -8.49 -4.16 -9.64
CA PRO B 157 -8.00 -4.21 -8.26
C PRO B 157 -7.98 -2.85 -7.54
N LYS B 158 -7.91 -1.73 -8.27
CA LYS B 158 -7.95 -0.43 -7.58
C LYS B 158 -9.33 -0.12 -7.07
N GLN B 159 -10.35 -0.82 -7.52
CA GLN B 159 -11.67 -0.68 -6.89
C GLN B 159 -11.85 -1.48 -5.57
N ILE B 160 -10.78 -2.13 -5.10
CA ILE B 160 -10.78 -2.74 -3.71
C ILE B 160 -10.34 -1.71 -2.70
N VAL B 161 -11.19 -1.35 -1.74
CA VAL B 161 -10.85 -0.28 -0.72
C VAL B 161 -9.61 -0.72 0.16
N ARG B 162 -8.60 0.13 0.33
CA ARG B 162 -7.37 -0.25 1.07
C ARG B 162 -7.20 0.64 2.27
N LEU B 163 -6.72 0.10 3.39
CA LEU B 163 -6.52 0.88 4.63
C LEU B 163 -5.05 1.33 4.61
N PRO B 164 -4.79 2.61 4.92
CA PRO B 164 -3.46 3.22 5.10
C PRO B 164 -2.75 2.58 6.32
N TYR B 165 -1.44 2.34 6.21
CA TYR B 165 -0.68 1.54 7.18
C TYR B 165 0.58 2.39 7.31
N ALA B 166 0.95 2.83 8.53
CA ALA B 166 2.18 3.63 8.62
C ALA B 166 3.44 2.76 8.47
N SER B 167 4.46 3.38 7.91
CA SER B 167 5.74 2.75 7.69
C SER B 167 6.74 3.33 8.66
N ALA B 168 7.64 2.51 9.19
CA ALA B 168 8.73 3.03 9.99
C ALA B 168 9.80 3.70 9.10
N SER B 169 10.48 4.71 9.65
CA SER B 169 11.58 5.42 8.93
C SER B 169 12.87 5.65 9.74
N GLU B 170 13.92 6.07 9.04
CA GLU B 170 15.16 6.57 9.61
C GLU B 170 14.92 8.03 10.01
N VAL B 171 15.29 8.36 11.24
CA VAL B 171 15.16 9.73 11.74
C VAL B 171 16.50 10.23 12.21
N GLU B 172 16.46 10.99 13.31
CA GLU B 172 17.64 11.53 13.99
C GLU B 172 18.89 10.67 13.86
N GLY B 173 19.13 9.87 14.89
CA GLY B 173 20.22 8.92 14.95
C GLY B 173 19.55 7.61 15.29
N GLY B 174 18.29 7.50 14.85
CA GLY B 174 17.42 6.38 15.17
C GLY B 174 16.60 5.79 14.03
N ILE B 175 15.66 4.92 14.43
CA ILE B 175 14.62 4.46 13.56
C ILE B 175 13.37 4.79 14.33
N ARG B 176 12.31 5.16 13.64
CA ARG B 176 11.09 5.57 14.33
C ARG B 176 9.94 4.92 13.62
N GLY B 177 9.15 4.18 14.41
CA GLY B 177 8.04 3.41 13.92
C GLY B 177 6.94 3.57 14.94
N GLU B 178 5.98 2.66 14.94
CA GLU B 178 4.87 2.78 15.92
C GLU B 178 4.31 1.46 16.44
N VAL B 179 3.51 1.52 17.50
CA VAL B 179 2.88 0.32 18.00
C VAL B 179 1.84 -0.06 16.99
N VAL B 180 1.91 -1.28 16.46
CA VAL B 180 0.92 -1.73 15.47
C VAL B 180 -0.20 -2.42 16.21
N ARG B 181 0.17 -3.35 17.08
CA ARG B 181 -0.77 -4.09 17.88
C ARG B 181 -0.10 -4.71 19.09
N ILE B 182 -0.92 -5.23 19.96
CA ILE B 182 -0.48 -5.83 21.20
C ILE B 182 -0.70 -7.34 21.05
N ASP B 183 0.29 -8.19 21.33
CA ASP B 183 -0.05 -9.61 21.39
C ASP B 183 -0.68 -9.94 22.71
N ARG B 184 -2.01 -9.80 22.76
CA ARG B 184 -2.75 -9.58 24.00
C ARG B 184 -2.78 -10.78 24.95
N ALA B 185 -2.52 -11.99 24.43
CA ALA B 185 -2.46 -13.17 25.31
C ALA B 185 -1.30 -12.99 26.24
N PHE B 186 -0.31 -12.22 25.79
CA PHE B 186 0.97 -12.04 26.53
C PHE B 186 1.37 -10.65 26.99
N GLY B 187 0.75 -9.61 26.44
CA GLY B 187 1.22 -8.23 26.62
C GLY B 187 2.50 -7.80 25.86
N ASN B 188 2.92 -8.57 24.87
CA ASN B 188 4.09 -8.20 24.09
C ASN B 188 3.66 -7.08 23.14
N VAL B 189 4.57 -6.18 22.78
CA VAL B 189 4.22 -5.05 21.92
C VAL B 189 4.83 -5.25 20.53
N TRP B 190 4.00 -5.09 19.52
CA TRP B 190 4.42 -5.27 18.18
C TRP B 190 4.45 -3.96 17.44
N THR B 191 5.61 -3.71 16.80
CA THR B 191 5.84 -2.49 16.00
C THR B 191 5.79 -2.76 14.49
N ASN B 192 5.92 -1.67 13.74
CA ASN B 192 5.98 -1.73 12.30
C ASN B 192 7.42 -1.56 11.80
N ILE B 193 8.42 -1.83 12.66
CA ILE B 193 9.84 -1.69 12.30
C ILE B 193 10.42 -3.00 11.71
N PRO B 194 10.73 -2.99 10.37
CA PRO B 194 11.18 -4.14 9.59
C PRO B 194 12.54 -4.65 10.06
N THR B 195 12.85 -5.92 9.81
CA THR B 195 14.17 -6.42 10.17
C THR B 195 15.30 -5.52 9.59
N HIS B 196 15.13 -4.95 8.39
CA HIS B 196 16.24 -4.25 7.67
C HIS B 196 16.70 -2.89 8.18
N LEU B 197 15.79 -2.16 8.83
CA LEU B 197 16.09 -0.82 9.29
C LEU B 197 17.09 -0.72 10.44
N ILE B 198 17.22 -1.79 11.22
CA ILE B 198 17.99 -1.72 12.45
C ILE B 198 19.31 -2.49 12.43
N GLY B 199 19.59 -3.16 11.31
CA GLY B 199 20.82 -3.95 11.15
C GLY B 199 22.10 -3.18 11.48
N SER B 200 22.03 -1.86 11.37
CA SER B 200 23.18 -1.00 11.62
C SER B 200 23.51 -0.90 13.11
N MET B 201 22.46 -0.71 13.93
CA MET B 201 22.65 -0.53 15.37
C MET B 201 22.75 -1.84 16.09
N LEU B 202 22.48 -2.94 15.38
CA LEU B 202 22.63 -4.30 15.88
C LEU B 202 24.09 -4.69 16.01
N GLN B 203 24.91 -4.05 15.16
CA GLN B 203 26.30 -4.44 14.92
C GLN B 203 27.10 -4.80 16.17
N ASP B 204 27.15 -3.88 17.13
CA ASP B 204 28.06 -4.03 18.27
C ASP B 204 27.53 -4.83 19.51
N GLY B 205 26.37 -5.48 19.37
CA GLY B 205 25.76 -6.20 20.51
C GLY B 205 25.61 -5.40 21.80
N GLU B 206 25.66 -4.07 21.67
CA GLU B 206 25.43 -3.18 22.80
C GLU B 206 23.93 -2.99 22.99
N ARG B 207 23.48 -2.82 24.23
CA ARG B 207 22.07 -2.47 24.46
C ARG B 207 21.60 -1.28 23.60
N LEU B 208 20.30 -1.26 23.29
CA LEU B 208 19.74 -0.21 22.44
C LEU B 208 18.83 0.67 23.25
N GLU B 209 18.66 1.92 22.79
CA GLU B 209 17.82 2.90 23.47
C GLU B 209 16.42 2.91 22.88
N VAL B 210 15.40 2.78 23.70
CA VAL B 210 14.02 2.87 23.18
C VAL B 210 13.20 3.96 23.90
N LYS B 211 12.72 4.93 23.11
CA LYS B 211 11.82 5.96 23.59
C LYS B 211 10.39 5.72 23.09
N ILE B 212 9.46 5.85 24.02
CA ILE B 212 8.03 5.76 23.79
C ILE B 212 7.40 7.08 24.26
N GLU B 213 6.89 7.87 23.34
CA GLU B 213 6.50 9.25 23.66
C GLU B 213 5.18 9.36 24.46
N ALA B 214 4.34 8.33 24.37
CA ALA B 214 2.95 8.35 24.88
C ALA B 214 2.85 8.01 26.37
N LEU B 215 4.02 7.87 27.00
CA LEU B 215 4.12 7.56 28.42
C LEU B 215 4.96 8.63 29.15
N SER B 216 4.54 9.89 29.03
CA SER B 216 5.34 11.04 29.52
C SER B 216 6.80 10.98 29.03
N ASP B 217 7.02 10.13 28.01
CA ASP B 217 8.28 10.09 27.24
C ASP B 217 9.29 9.02 27.70
N THR B 218 8.83 7.94 28.36
CA THR B 218 9.68 6.80 28.76
C THR B 218 10.91 6.45 27.87
N VAL B 219 12.10 6.48 28.47
CA VAL B 219 13.32 5.98 27.84
C VAL B 219 13.89 4.72 28.55
N LEU B 220 13.97 3.60 27.81
CA LEU B 220 14.45 2.33 28.33
C LEU B 220 15.68 1.97 27.57
N GLU B 221 16.59 1.26 28.24
CA GLU B 221 17.77 0.71 27.60
C GLU B 221 17.60 -0.81 27.54
N LEU B 222 17.63 -1.41 26.36
CA LEU B 222 17.22 -2.83 26.28
C LEU B 222 18.10 -3.73 25.40
N PRO B 223 18.38 -4.95 25.86
CA PRO B 223 19.05 -5.87 25.00
C PRO B 223 18.17 -6.39 23.86
N PHE B 224 18.77 -6.45 22.67
CA PHE B 224 18.18 -7.09 21.52
C PHE B 224 18.57 -8.56 21.56
N CYS B 225 17.56 -9.41 21.68
CA CYS B 225 17.67 -10.84 21.97
C CYS B 225 17.03 -11.60 20.83
N LYS B 226 17.32 -12.88 20.72
CA LYS B 226 16.62 -13.70 19.73
C LYS B 226 15.23 -14.18 20.30
N THR B 227 15.11 -14.21 21.62
CA THR B 227 13.93 -14.79 22.22
C THR B 227 13.87 -14.46 23.69
N PHE B 228 12.72 -14.74 24.30
CA PHE B 228 12.40 -14.40 25.64
C PHE B 228 13.43 -14.87 26.64
N GLY B 229 13.85 -16.12 26.48
CA GLY B 229 14.60 -16.84 27.50
C GLY B 229 16.00 -16.29 27.66
N GLU B 230 16.35 -15.33 26.82
CA GLU B 230 17.74 -14.80 26.84
C GLU B 230 18.04 -13.76 27.91
N VAL B 231 17.04 -13.39 28.70
CA VAL B 231 17.23 -12.44 29.80
C VAL B 231 16.59 -13.05 31.02
N ASP B 232 16.63 -12.40 32.19
CA ASP B 232 16.04 -13.05 33.37
C ASP B 232 14.52 -12.96 33.31
N GLU B 233 13.82 -13.82 34.08
CA GLU B 233 12.37 -13.78 34.18
C GLU B 233 11.94 -12.40 34.65
N GLY B 234 10.89 -11.86 34.00
CA GLY B 234 10.35 -10.50 34.31
C GLY B 234 11.10 -9.32 33.68
N GLN B 235 12.33 -9.54 33.22
CA GLN B 235 13.13 -8.51 32.60
C GLN B 235 12.77 -8.25 31.14
N PRO B 236 12.89 -6.98 30.71
CA PRO B 236 12.58 -6.60 29.34
C PRO B 236 13.62 -6.88 28.23
N LEU B 237 13.05 -7.18 27.06
CA LEU B 237 13.83 -7.35 25.86
C LEU B 237 13.16 -6.73 24.65
N LEU B 238 14.01 -6.48 23.65
CA LEU B 238 13.64 -6.38 22.25
C LEU B 238 14.01 -7.66 21.48
N TYR B 239 13.24 -7.93 20.44
CA TYR B 239 13.32 -9.09 19.58
C TYR B 239 12.53 -8.86 18.32
N LEU B 240 12.86 -9.66 17.28
CA LEU B 240 12.09 -9.74 16.05
C LEU B 240 10.98 -10.76 16.21
N ASN B 241 9.73 -10.32 16.13
CA ASN B 241 8.63 -11.26 16.31
C ASN B 241 8.55 -12.27 15.15
N SER B 242 7.55 -13.13 15.24
CA SER B 242 7.31 -14.24 14.31
C SER B 242 7.05 -13.86 12.86
N ARG B 243 6.85 -12.59 12.55
CA ARG B 243 7.28 -12.20 11.20
C ARG B 243 7.81 -10.82 11.02
N GLY B 244 9.02 -10.69 11.53
CA GLY B 244 9.97 -9.82 10.87
C GLY B 244 9.78 -8.39 11.29
N ARG B 245 9.10 -8.20 12.42
CA ARG B 245 8.99 -6.85 13.04
C ARG B 245 9.57 -6.82 14.40
N LEU B 246 10.05 -5.64 14.78
CA LEU B 246 10.56 -5.44 16.13
C LEU B 246 9.42 -5.45 17.20
N ALA B 247 9.70 -6.12 18.30
CA ALA B 247 8.78 -6.16 19.38
C ALA B 247 9.48 -5.96 20.71
N LEU B 248 8.64 -5.76 21.69
CA LEU B 248 9.04 -5.54 23.08
C LEU B 248 8.35 -6.57 23.98
N GLY B 249 9.06 -7.25 24.85
CA GLY B 249 8.34 -8.05 25.88
C GLY B 249 9.05 -8.07 27.24
N LEU B 250 8.40 -8.63 28.29
CA LEU B 250 9.12 -9.11 29.50
C LEU B 250 9.15 -10.62 29.45
N ASN B 251 10.29 -11.20 29.81
CA ASN B 251 10.40 -12.63 29.84
C ASN B 251 9.50 -13.27 30.89
N GLN B 252 8.50 -14.00 30.37
CA GLN B 252 7.44 -14.65 31.13
C GLN B 252 6.67 -13.65 32.06
N SER B 253 6.50 -12.41 31.60
CA SER B 253 5.61 -11.44 32.24
C SER B 253 4.88 -10.62 31.14
N ASN B 254 4.24 -9.57 31.59
CA ASN B 254 3.43 -8.74 30.72
C ASN B 254 3.98 -7.32 30.60
N PHE B 255 4.57 -7.04 29.44
CA PHE B 255 5.19 -5.75 29.15
C PHE B 255 4.25 -4.54 29.21
N ILE B 256 3.04 -4.68 28.67
CA ILE B 256 2.15 -3.52 28.60
C ILE B 256 1.46 -3.13 29.91
N GLU B 257 1.35 -4.11 30.82
CA GLU B 257 0.93 -3.89 32.20
C GLU B 257 1.96 -3.04 32.93
N LYS B 258 3.25 -3.22 32.63
CA LYS B 258 4.30 -2.35 33.17
C LYS B 258 4.41 -0.99 32.47
N TRP B 259 4.41 -1.02 31.14
CA TRP B 259 4.58 0.18 30.31
C TRP B 259 3.41 0.29 29.28
N PRO B 260 2.29 0.92 29.68
CA PRO B 260 0.96 0.89 28.97
C PRO B 260 0.82 1.64 27.63
N VAL B 261 1.41 1.08 26.58
CA VAL B 261 1.33 1.65 25.25
C VAL B 261 0.12 1.12 24.48
N VAL B 262 -0.50 1.99 23.70
CA VAL B 262 -1.57 1.61 22.77
C VAL B 262 -1.03 1.64 21.34
N PRO B 263 -1.69 0.91 20.41
CA PRO B 263 -1.46 1.04 18.96
C PRO B 263 -1.44 2.49 18.46
N GLY B 264 -0.46 2.85 17.63
CA GLY B 264 -0.32 4.24 17.21
C GLY B 264 0.79 4.99 17.91
N ASP B 265 1.05 4.64 19.17
CA ASP B 265 2.16 5.29 19.90
C ASP B 265 3.50 5.16 19.16
N SER B 266 4.25 6.25 19.07
CA SER B 266 5.58 6.25 18.43
C SER B 266 6.69 5.53 19.23
N ILE B 267 7.42 4.64 18.55
CA ILE B 267 8.66 4.00 19.06
C ILE B 267 9.92 4.27 18.22
N THR B 268 10.85 4.95 18.87
CA THR B 268 12.10 5.25 18.26
C THR B 268 13.15 4.39 18.95
N VAL B 269 13.98 3.76 18.13
CA VAL B 269 15.08 2.94 18.62
C VAL B 269 16.34 3.53 18.02
N SER B 270 17.41 3.48 18.81
CA SER B 270 18.67 4.16 18.50
C SER B 270 19.80 3.47 19.25
N PRO B 271 21.06 3.58 18.77
CA PRO B 271 22.14 2.92 19.50
C PRO B 271 22.48 3.67 20.78
CL CL C . -10.21 17.14 -16.60
N SAM D . -7.10 20.08 -24.28
CA SAM D . -8.27 19.88 -23.39
C SAM D . -9.34 20.92 -23.60
O SAM D . -10.52 20.70 -23.35
OXT SAM D . -9.09 22.03 -24.02
CB SAM D . -7.89 19.86 -21.91
CG SAM D . -7.63 18.46 -21.32
SD SAM D . -8.77 17.24 -21.43
CE SAM D . -10.16 17.58 -22.33
C5' SAM D . -9.26 16.92 -19.82
C4' SAM D . -9.04 15.45 -19.33
O4' SAM D . -9.88 14.65 -20.17
C3' SAM D . -7.65 14.84 -19.49
O3' SAM D . -7.02 14.66 -18.21
C2' SAM D . -7.82 13.48 -20.19
O2' SAM D . -7.24 12.42 -19.37
C1' SAM D . -9.33 13.37 -20.37
N9 SAM D . -9.68 13.09 -21.78
C8 SAM D . -9.39 13.86 -22.85
N7 SAM D . -9.82 13.27 -23.99
C5 SAM D . -10.46 12.13 -23.63
C6 SAM D . -11.16 11.00 -24.31
N6 SAM D . -11.36 10.93 -25.67
N1 SAM D . -11.62 10.01 -23.48
C2 SAM D . -11.45 10.02 -22.16
N3 SAM D . -10.84 10.99 -21.49
C4 SAM D . -10.35 12.05 -22.16
CL CL E . -22.96 -9.21 7.85
N SAM F . -27.33 -12.65 15.01
CA SAM F . -26.72 -11.63 14.13
C SAM F . -27.67 -11.67 12.97
O SAM F . -28.74 -11.06 12.99
OXT SAM F . -27.49 -12.32 11.96
CB SAM F . -25.24 -11.97 13.87
CG SAM F . -24.56 -11.26 12.66
SD SAM F . -24.19 -9.62 12.78
CE SAM F . -25.64 -8.78 12.96
C5' SAM F . -23.58 -9.21 11.24
C4' SAM F . -22.62 -7.99 11.08
O4' SAM F . -23.32 -6.78 11.38
C3' SAM F . -21.35 -7.99 11.95
O3' SAM F . -20.16 -8.23 11.20
C2' SAM F . -21.24 -6.61 12.58
O2' SAM F . -19.99 -5.93 12.28
C1' SAM F . -22.45 -5.86 12.04
N9 SAM F . -23.23 -5.29 13.14
C8 SAM F . -23.89 -5.98 14.10
N7 SAM F . -24.49 -5.12 14.96
C5 SAM F . -24.27 -3.87 14.53
C6 SAM F . -24.60 -2.48 14.93
N6 SAM F . -25.36 -2.15 16.05
N1 SAM F . -24.08 -1.52 14.14
C2 SAM F . -23.34 -1.71 13.07
N3 SAM F . -23.01 -2.92 12.63
C4 SAM F . -23.43 -4.01 13.31
#